data_7AU9
#
_entry.id   7AU9
#
_cell.length_a   68.700
_cell.length_b   82.724
_cell.length_c   88.538
_cell.angle_alpha   90.000
_cell.angle_beta   90.000
_cell.angle_gamma   90.000
#
_symmetry.space_group_name_H-M   'P 21 21 21'
#
loop_
_entity.id
_entity.type
_entity.pdbx_description
1 polymer 'Peptidoglycan D,D-transpeptidase FtsI'
2 non-polymer GLYCEROL
3 non-polymer N,N-dibenzyl-1-hydroxy-1,3-dihydrobenzo[c][1,2]oxaborole-6-carboxamide
4 water water
#
_entity_poly.entity_id   1
_entity_poly.type   'polypeptide(L)'
_entity_poly.pdbx_seq_one_letter_code
;GPGYQDPARSVRHIAIPAHRGLITDRNGEPLAVSTPVTTLWANPKELMTAKERWPQLAAALGQDTKLFADRIEQNAEREF
IYLVRGLTPEQGEGVIALKVPGVYSIEEFRRFYPAGEVVAHAVGFTDVDDRGREGIELAFDEWLAGVPGKRQVLKDRRGR
VIKDVQVTKNAKPGKTLALSIDLRLQYLAHRELRNALLENGAKAGSLVIMDVKTGEILAMTNQPTYNPNNRRNLQPAAMR
NRAMIDVFEPGSTVKPFSMSAALASGRWKPSDIVDVYPGTLQIGRYTIRDVSRNSRQLDLTGILIKSSNVGISKIAFDIG
AESIYSVMQQVGLGQDTGLGFPGERVGNLPNHRKWPKAETATLAYGYGLSVTAIQLAHAYAALANDGKSVPLSMTRVDRV
PDGVQVISPEVASTVQGMLQQVVEAQGGVFRAQVPGYHAAGKSGTARKVSVGTKGYRENAYRSLFAGFAPATDPRIAMVV
VIDEPSKAGYFGGLVSAPVFSKVMAGALRLMNVPPDNLPTATEQQQVNAAPAKGGRG
;
_entity_poly.pdbx_strand_id   A
#
# COMPACT_ATOMS: atom_id res chain seq x y z
N ALA A 8 -25.27 47.44 17.08
CA ALA A 8 -26.64 47.13 16.53
C ALA A 8 -26.60 45.77 15.82
N ARG A 9 -27.43 45.59 14.78
CA ARG A 9 -27.38 44.45 13.81
C ARG A 9 -25.96 44.26 13.27
N SER A 10 -25.65 43.07 12.72
CA SER A 10 -24.31 42.68 12.23
C SER A 10 -24.39 41.68 11.07
N VAL A 11 -23.51 41.81 10.06
CA VAL A 11 -23.38 40.91 8.86
C VAL A 11 -22.14 40.04 9.00
N ARG A 12 -22.33 38.70 8.96
CA ARG A 12 -21.27 37.67 9.03
C ARG A 12 -21.34 36.81 7.76
N HIS A 13 -20.55 35.74 7.72
CA HIS A 13 -20.52 34.71 6.64
C HIS A 13 -20.41 33.32 7.28
N ILE A 14 -21.17 32.35 6.75
CA ILE A 14 -21.03 30.90 7.06
C ILE A 14 -20.73 30.16 5.75
N ALA A 15 -19.73 29.28 5.74
CA ALA A 15 -19.22 28.58 4.52
C ALA A 15 -20.06 27.33 4.24
N ILE A 16 -20.45 27.14 2.99
CA ILE A 16 -21.29 25.99 2.53
C ILE A 16 -20.36 24.81 2.25
N PRO A 17 -20.30 23.75 3.10
CA PRO A 17 -19.45 22.60 2.84
C PRO A 17 -19.66 22.05 1.42
N ALA A 18 -18.60 21.51 0.83
CA ALA A 18 -18.63 20.89 -0.52
C ALA A 18 -18.87 19.38 -0.37
N HIS A 19 -19.43 18.77 -1.41
CA HIS A 19 -19.69 17.31 -1.50
C HIS A 19 -18.39 16.64 -1.97
N ARG A 20 -17.76 15.85 -1.11
CA ARG A 20 -16.48 15.16 -1.45
C ARG A 20 -16.68 14.24 -2.67
N GLY A 21 -15.76 14.31 -3.64
CA GLY A 21 -15.73 13.41 -4.81
C GLY A 21 -15.83 11.95 -4.41
N LEU A 22 -16.61 11.18 -5.17
CA LEU A 22 -16.74 9.69 -5.11
C LEU A 22 -15.37 9.08 -5.44
N ILE A 23 -14.93 8.06 -4.69
CA ILE A 23 -13.72 7.23 -5.01
C ILE A 23 -14.25 5.89 -5.45
N THR A 24 -13.85 5.43 -6.63
CA THR A 24 -14.23 4.09 -7.10
C THR A 24 -12.97 3.24 -7.30
N ASP A 25 -13.17 1.93 -7.39
CA ASP A 25 -12.17 0.98 -7.93
C ASP A 25 -12.11 1.26 -9.44
N ARG A 26 -11.26 0.55 -10.15
CA ARG A 26 -11.03 0.74 -11.61
C ARG A 26 -12.29 0.42 -12.44
N ASN A 27 -13.26 -0.30 -11.88
CA ASN A 27 -14.49 -0.71 -12.60
C ASN A 27 -15.69 0.18 -12.19
N GLY A 28 -15.50 1.13 -11.27
CA GLY A 28 -16.53 2.09 -10.87
C GLY A 28 -17.25 1.62 -9.61
N GLU A 29 -16.71 0.62 -8.88
CA GLU A 29 -17.28 0.18 -7.59
C GLU A 29 -17.00 1.24 -6.53
N PRO A 30 -18.02 1.89 -5.95
CA PRO A 30 -17.77 2.96 -4.98
C PRO A 30 -16.98 2.44 -3.77
N LEU A 31 -15.91 3.17 -3.44
CA LEU A 31 -14.97 2.81 -2.35
C LEU A 31 -15.07 3.85 -1.24
N ALA A 32 -15.51 5.07 -1.56
CA ALA A 32 -15.72 6.13 -0.54
C ALA A 32 -16.80 7.09 -1.03
N VAL A 33 -17.81 7.37 -0.22
CA VAL A 33 -19.03 8.13 -0.63
C VAL A 33 -19.40 9.10 0.48
N SER A 34 -19.55 10.37 0.12
CA SER A 34 -20.05 11.44 1.00
C SER A 34 -21.57 11.28 1.13
N THR A 35 -22.03 10.96 2.34
CA THR A 35 -23.45 10.71 2.69
C THR A 35 -23.94 11.91 3.50
N PRO A 36 -25.11 12.49 3.18
CA PRO A 36 -25.65 13.58 3.99
C PRO A 36 -25.81 13.25 5.47
N VAL A 37 -25.29 14.12 6.32
CA VAL A 37 -25.63 14.15 7.76
C VAL A 37 -25.93 15.61 8.15
N THR A 38 -26.35 15.84 9.40
CA THR A 38 -26.68 17.18 9.96
C THR A 38 -25.95 17.39 11.29
N THR A 39 -25.28 18.52 11.42
CA THR A 39 -24.60 18.98 12.67
C THR A 39 -25.48 20.03 13.35
N LEU A 40 -26.11 19.66 14.46
CA LEU A 40 -26.96 20.59 15.26
C LEU A 40 -25.98 21.45 16.07
N TRP A 41 -26.09 22.78 15.96
CA TRP A 41 -25.36 23.72 16.84
C TRP A 41 -26.38 24.46 17.70
N ALA A 42 -25.99 25.55 18.37
CA ALA A 42 -26.91 26.36 19.20
C ALA A 42 -26.34 27.74 19.49
N ASN A 43 -27.23 28.67 19.81
CA ASN A 43 -26.92 30.06 20.26
C ASN A 43 -27.19 30.14 21.77
N PRO A 44 -26.20 29.84 22.65
CA PRO A 44 -26.40 29.88 24.09
C PRO A 44 -27.32 31.02 24.55
N LYS A 45 -27.03 32.26 24.14
CA LYS A 45 -27.84 33.48 24.46
C LYS A 45 -29.34 33.12 24.36
N GLU A 46 -29.77 32.50 23.27
CA GLU A 46 -31.18 32.11 23.01
C GLU A 46 -31.55 30.85 23.80
N LEU A 47 -30.64 29.87 23.90
CA LEU A 47 -30.79 28.61 24.67
C LEU A 47 -31.10 28.97 26.13
N MET A 48 -30.38 29.95 26.67
CA MET A 48 -30.52 30.44 28.06
C MET A 48 -31.95 30.93 28.31
N THR A 49 -32.77 31.07 27.28
CA THR A 49 -34.16 31.57 27.39
C THR A 49 -35.14 30.41 27.48
N ALA A 50 -34.71 29.15 27.26
CA ALA A 50 -35.60 27.95 27.20
C ALA A 50 -35.06 26.79 28.06
N LYS A 51 -34.55 27.11 29.26
CA LYS A 51 -33.91 26.14 30.19
C LYS A 51 -34.86 24.99 30.51
N GLU A 52 -36.18 25.19 30.47
CA GLU A 52 -37.14 24.10 30.80
C GLU A 52 -37.02 22.99 29.76
N ARG A 53 -36.63 23.31 28.52
CA ARG A 53 -36.54 22.32 27.40
C ARG A 53 -35.24 21.50 27.47
N TRP A 54 -34.20 21.95 28.18
CA TRP A 54 -32.83 21.36 28.13
C TRP A 54 -32.82 19.87 28.42
N PRO A 55 -33.48 19.36 29.49
CA PRO A 55 -33.43 17.92 29.77
C PRO A 55 -33.87 17.07 28.57
N GLN A 56 -34.84 17.56 27.79
CA GLN A 56 -35.48 16.85 26.66
C GLN A 56 -34.51 16.88 25.46
N LEU A 57 -34.06 18.07 25.08
CA LEU A 57 -32.87 18.29 24.20
C LEU A 57 -31.76 17.32 24.62
N ALA A 58 -31.19 17.48 25.83
CA ALA A 58 -30.08 16.63 26.36
C ALA A 58 -30.29 15.15 26.01
N ALA A 59 -31.22 14.46 26.68
CA ALA A 59 -31.64 13.07 26.38
C ALA A 59 -31.56 12.80 24.87
N ALA A 60 -32.16 13.66 24.03
CA ALA A 60 -32.25 13.49 22.56
C ALA A 60 -30.90 13.79 21.89
N LEU A 61 -29.86 14.10 22.67
CA LEU A 61 -28.46 14.25 22.20
C LEU A 61 -27.57 13.21 22.89
N GLY A 62 -28.17 12.23 23.59
CA GLY A 62 -27.39 11.22 24.33
C GLY A 62 -26.73 11.81 25.55
N GLN A 63 -26.33 13.09 25.48
CA GLN A 63 -25.81 13.91 26.60
C GLN A 63 -26.64 13.69 27.88
N ASP A 64 -25.97 13.57 29.02
CA ASP A 64 -26.56 13.54 30.39
C ASP A 64 -27.11 14.93 30.76
N THR A 65 -28.20 14.95 31.51
CA THR A 65 -29.03 16.16 31.79
C THR A 65 -28.16 17.28 32.36
N LYS A 66 -27.48 16.99 33.47
CA LYS A 66 -26.69 17.98 34.25
C LYS A 66 -25.39 18.31 33.50
N LEU A 67 -24.78 17.35 32.80
CA LEU A 67 -23.54 17.61 32.01
C LEU A 67 -23.89 18.57 30.88
N PHE A 68 -24.98 18.27 30.19
CA PHE A 68 -25.61 19.18 29.20
C PHE A 68 -25.67 20.59 29.80
N ALA A 69 -26.53 20.84 30.79
CA ALA A 69 -26.77 22.19 31.37
C ALA A 69 -25.48 22.88 31.84
N ASP A 70 -24.54 22.15 32.46
CA ASP A 70 -23.23 22.70 32.86
C ASP A 70 -22.62 23.35 31.61
N ARG A 71 -22.53 22.56 30.53
CA ARG A 71 -21.94 23.00 29.25
C ARG A 71 -22.57 24.34 28.81
N ILE A 72 -23.90 24.38 28.66
CA ILE A 72 -24.66 25.54 28.11
C ILE A 72 -24.44 26.77 29.00
N GLU A 73 -24.40 26.59 30.33
CA GLU A 73 -24.23 27.70 31.31
C GLU A 73 -22.82 28.29 31.17
N GLN A 74 -21.79 27.43 31.25
CA GLN A 74 -20.36 27.77 31.05
C GLN A 74 -20.19 28.68 29.82
N ASN A 75 -20.93 28.39 28.75
CA ASN A 75 -20.74 29.03 27.41
C ASN A 75 -21.91 29.98 27.16
N ALA A 76 -22.46 30.55 28.23
CA ALA A 76 -23.70 31.36 28.22
C ALA A 76 -23.53 32.56 27.29
N GLU A 77 -22.33 33.15 27.29
CA GLU A 77 -22.04 34.42 26.57
C GLU A 77 -21.80 34.10 25.08
N ARG A 78 -20.95 33.12 24.79
CA ARG A 78 -20.66 32.64 23.42
C ARG A 78 -21.97 32.54 22.64
N GLU A 79 -22.06 33.20 21.48
CA GLU A 79 -23.25 33.18 20.59
C GLU A 79 -23.17 31.96 19.68
N PHE A 80 -22.02 31.29 19.68
CA PHE A 80 -21.78 30.04 18.90
C PHE A 80 -21.27 28.94 19.83
N ILE A 81 -21.67 27.72 19.48
CA ILE A 81 -21.27 26.43 20.12
C ILE A 81 -21.88 25.35 19.23
N TYR A 82 -21.12 24.31 18.91
CA TYR A 82 -21.67 23.05 18.34
C TYR A 82 -22.37 22.32 19.48
N LEU A 83 -23.44 21.56 19.17
CA LEU A 83 -24.08 20.63 20.12
C LEU A 83 -23.61 19.22 19.81
N VAL A 84 -23.76 18.80 18.55
CA VAL A 84 -23.42 17.42 18.07
C VAL A 84 -23.13 17.50 16.57
N ARG A 85 -22.02 16.89 16.12
CA ARG A 85 -21.59 16.85 14.69
C ARG A 85 -22.22 15.64 14.03
N GLY A 86 -22.68 15.80 12.79
CA GLY A 86 -23.08 14.71 11.87
C GLY A 86 -23.91 13.63 12.53
N LEU A 87 -25.20 13.88 12.74
CA LEU A 87 -26.21 12.82 13.00
C LEU A 87 -26.81 12.44 11.65
N THR A 88 -27.42 11.26 11.57
CA THR A 88 -28.36 10.89 10.48
C THR A 88 -29.30 12.07 10.27
N PRO A 89 -29.69 12.43 9.02
CA PRO A 89 -30.59 13.56 8.81
C PRO A 89 -31.92 13.43 9.56
N GLU A 90 -32.24 12.21 10.03
CA GLU A 90 -33.59 11.79 10.55
C GLU A 90 -33.67 12.03 12.05
N GLN A 91 -32.60 11.69 12.79
CA GLN A 91 -32.37 12.16 14.18
C GLN A 91 -32.23 13.70 14.18
N GLY A 92 -31.72 14.25 13.08
CA GLY A 92 -31.64 15.71 12.85
C GLY A 92 -33.01 16.37 12.98
N GLU A 93 -34.07 15.57 12.82
CA GLU A 93 -35.50 15.97 12.96
C GLU A 93 -35.93 15.68 14.40
N GLY A 94 -35.63 14.49 14.89
CA GLY A 94 -35.78 14.09 16.30
C GLY A 94 -35.50 15.26 17.24
N VAL A 95 -34.50 16.08 16.92
CA VAL A 95 -34.14 17.30 17.71
C VAL A 95 -34.94 18.50 17.19
N ILE A 96 -35.02 18.67 15.87
CA ILE A 96 -35.72 19.81 15.22
C ILE A 96 -37.23 19.69 15.47
N ALA A 97 -37.71 18.49 15.85
CA ALA A 97 -39.09 18.20 16.29
C ALA A 97 -39.39 18.86 17.65
N LEU A 98 -38.36 19.31 18.39
CA LEU A 98 -38.48 20.00 19.70
C LEU A 98 -38.46 21.52 19.47
N LYS A 99 -38.03 21.96 18.29
CA LYS A 99 -38.10 23.39 17.88
C LYS A 99 -37.63 24.28 19.04
N VAL A 100 -36.64 23.81 19.80
CA VAL A 100 -36.06 24.50 20.99
C VAL A 100 -35.38 25.79 20.54
N PRO A 101 -35.75 26.95 21.11
CA PRO A 101 -35.06 28.21 20.83
C PRO A 101 -33.54 28.06 20.98
N GLY A 102 -32.77 28.79 20.14
CA GLY A 102 -31.29 28.80 20.14
C GLY A 102 -30.67 27.62 19.38
N VAL A 103 -31.47 26.62 18.96
CA VAL A 103 -30.99 25.42 18.20
C VAL A 103 -31.11 25.66 16.69
N TYR A 104 -29.99 26.02 16.03
CA TYR A 104 -29.85 26.04 14.54
C TYR A 104 -29.02 24.82 14.11
N SER A 105 -28.91 24.56 12.81
CA SER A 105 -28.46 23.26 12.25
C SER A 105 -27.80 23.45 10.88
N ILE A 106 -26.69 22.73 10.64
CA ILE A 106 -25.96 22.71 9.33
C ILE A 106 -26.15 21.34 8.68
N GLU A 107 -26.20 21.32 7.35
CA GLU A 107 -26.29 20.11 6.51
C GLU A 107 -24.85 19.79 6.08
N GLU A 108 -24.43 18.54 6.21
CA GLU A 108 -22.99 18.16 6.12
C GLU A 108 -22.85 16.84 5.38
N PHE A 109 -21.63 16.46 5.04
CA PHE A 109 -21.29 15.12 4.51
C PHE A 109 -20.29 14.43 5.44
N ARG A 110 -20.52 13.14 5.63
CA ARG A 110 -19.67 12.19 6.36
C ARG A 110 -19.29 11.13 5.33
N ARG A 111 -18.11 10.52 5.42
CA ARG A 111 -17.68 9.51 4.41
C ARG A 111 -18.26 8.16 4.81
N PHE A 112 -18.70 7.37 3.82
CA PHE A 112 -18.92 5.91 4.02
C PHE A 112 -18.02 5.12 3.05
N TYR A 113 -17.46 4.02 3.55
CA TYR A 113 -16.51 3.08 2.90
C TYR A 113 -17.20 1.72 2.74
N PRO A 114 -17.91 1.51 1.61
CA PRO A 114 -18.65 0.27 1.38
C PRO A 114 -17.83 -1.01 1.51
N ALA A 115 -16.56 -1.01 1.11
CA ALA A 115 -15.70 -2.21 1.13
C ALA A 115 -15.06 -2.38 2.51
N GLY A 116 -15.16 -1.35 3.34
CA GLY A 116 -14.71 -1.35 4.74
C GLY A 116 -13.24 -1.69 4.89
N GLU A 117 -12.95 -2.80 5.59
CA GLU A 117 -11.60 -3.13 6.11
C GLU A 117 -10.78 -3.70 4.96
N VAL A 118 -11.46 -4.29 3.98
CA VAL A 118 -10.87 -4.94 2.78
C VAL A 118 -9.86 -4.01 2.10
N VAL A 119 -10.12 -2.70 2.10
CA VAL A 119 -9.34 -1.66 1.35
C VAL A 119 -9.08 -0.43 2.23
N ALA A 120 -9.04 -0.60 3.55
CA ALA A 120 -8.88 0.48 4.54
C ALA A 120 -7.66 1.33 4.20
N HIS A 121 -6.50 0.69 4.06
CA HIS A 121 -5.19 1.39 3.95
C HIS A 121 -5.12 2.14 2.62
N ALA A 122 -5.42 1.47 1.51
CA ALA A 122 -5.31 2.08 0.16
C ALA A 122 -6.24 3.29 0.07
N VAL A 123 -7.48 3.16 0.56
CA VAL A 123 -8.47 4.27 0.54
C VAL A 123 -8.18 5.27 1.66
N GLY A 124 -7.81 4.78 2.85
CA GLY A 124 -7.73 5.60 4.06
C GLY A 124 -9.11 6.12 4.49
N PHE A 125 -9.13 7.29 5.12
CA PHE A 125 -10.35 7.89 5.74
C PHE A 125 -10.18 9.42 5.92
N THR A 126 -11.30 10.07 6.23
CA THR A 126 -11.42 11.52 6.48
C THR A 126 -11.39 11.76 8.00
N ASP A 127 -11.01 12.98 8.40
CA ASP A 127 -11.10 13.44 9.82
C ASP A 127 -12.53 13.95 10.07
N VAL A 128 -12.74 14.61 11.21
CA VAL A 128 -14.06 15.13 11.70
C VAL A 128 -14.57 16.27 10.80
N ASP A 129 -13.69 16.86 10.00
CA ASP A 129 -13.95 18.04 9.13
C ASP A 129 -14.11 17.63 7.67
N ASP A 130 -14.24 16.33 7.41
CA ASP A 130 -14.36 15.75 6.03
C ASP A 130 -13.05 15.98 5.25
N ARG A 131 -11.91 15.98 5.95
CA ARG A 131 -10.55 16.13 5.37
C ARG A 131 -9.81 14.77 5.42
N GLY A 132 -9.21 14.41 4.29
CA GLY A 132 -8.36 13.22 4.15
C GLY A 132 -7.27 13.19 5.21
N ARG A 133 -7.16 12.10 5.95
CA ARG A 133 -6.17 11.93 7.02
C ARG A 133 -5.24 10.72 6.76
N GLU A 134 -5.64 9.81 5.87
CA GLU A 134 -4.84 8.63 5.48
C GLU A 134 -5.13 8.28 4.03
N GLY A 135 -4.22 7.53 3.40
CA GLY A 135 -4.44 6.84 2.12
C GLY A 135 -4.70 7.84 1.03
N ILE A 136 -5.48 7.42 0.04
CA ILE A 136 -5.87 8.24 -1.14
C ILE A 136 -6.65 9.45 -0.71
N GLU A 137 -7.44 9.32 0.37
CA GLU A 137 -8.27 10.42 0.94
C GLU A 137 -7.36 11.62 1.25
N LEU A 138 -6.22 11.40 1.92
CA LEU A 138 -5.18 12.44 2.11
C LEU A 138 -4.50 12.82 0.77
N ALA A 139 -4.02 11.83 0.02
CA ALA A 139 -3.14 12.00 -1.16
C ALA A 139 -3.87 12.77 -2.27
N PHE A 140 -5.18 12.56 -2.49
CA PHE A 140 -5.92 13.35 -3.50
C PHE A 140 -6.88 14.31 -2.81
N ASP A 141 -6.60 14.67 -1.56
CA ASP A 141 -7.50 15.54 -0.76
C ASP A 141 -7.96 16.72 -1.63
N GLU A 142 -7.05 17.33 -2.37
CA GLU A 142 -7.37 18.57 -3.13
C GLU A 142 -8.37 18.24 -4.22
N TRP A 143 -8.10 17.22 -5.02
CA TRP A 143 -9.00 16.73 -6.10
C TRP A 143 -10.41 16.37 -5.57
N LEU A 144 -10.48 15.77 -4.38
CA LEU A 144 -11.70 15.17 -3.81
C LEU A 144 -12.51 16.22 -3.04
N ALA A 145 -11.87 16.95 -2.12
CA ALA A 145 -12.47 18.10 -1.39
C ALA A 145 -12.91 19.10 -2.45
N GLY A 146 -14.12 19.60 -2.39
CA GLY A 146 -14.56 20.56 -3.43
C GLY A 146 -13.93 21.93 -3.21
N VAL A 147 -14.74 22.99 -3.29
CA VAL A 147 -14.41 24.34 -2.78
C VAL A 147 -15.64 24.78 -2.02
N PRO A 148 -15.58 24.93 -0.68
CA PRO A 148 -16.72 25.46 0.08
C PRO A 148 -17.28 26.73 -0.59
N GLY A 149 -18.59 26.96 -0.48
CA GLY A 149 -19.26 28.23 -0.84
C GLY A 149 -19.38 29.16 0.36
N LYS A 150 -20.03 30.33 0.21
CA LYS A 150 -20.16 31.33 1.30
C LYS A 150 -21.55 31.98 1.28
N ARG A 151 -22.10 32.16 2.48
CA ARG A 151 -23.43 32.78 2.73
C ARG A 151 -23.25 33.91 3.73
N GLN A 152 -23.89 35.05 3.50
CA GLN A 152 -23.88 36.21 4.43
C GLN A 152 -25.08 36.09 5.37
N VAL A 153 -24.83 36.07 6.69
CA VAL A 153 -25.84 35.82 7.77
C VAL A 153 -26.06 37.11 8.57
N LEU A 154 -27.32 37.50 8.76
CA LEU A 154 -27.73 38.68 9.59
C LEU A 154 -27.70 38.30 11.06
N LYS A 155 -26.65 38.68 11.79
CA LYS A 155 -26.46 38.25 13.20
C LYS A 155 -27.61 38.76 14.07
N ASP A 156 -28.39 37.82 14.63
CA ASP A 156 -29.73 38.02 15.25
C ASP A 156 -29.55 38.48 16.71
N ARG A 157 -28.94 39.67 16.89
CA ARG A 157 -28.66 40.34 18.19
C ARG A 157 -27.59 39.53 18.95
N GLN A 166 -28.12 36.61 0.72
CA GLN A 166 -27.52 36.14 -0.56
C GLN A 166 -26.36 35.18 -0.29
N VAL A 167 -26.26 34.14 -1.10
CA VAL A 167 -25.06 33.26 -1.22
C VAL A 167 -24.08 34.02 -2.13
N THR A 168 -22.89 34.33 -1.63
CA THR A 168 -21.88 35.20 -2.32
C THR A 168 -21.12 34.39 -3.39
N LYS A 169 -20.74 33.13 -3.10
CA LYS A 169 -20.40 32.09 -4.12
C LYS A 169 -20.86 30.72 -3.62
N ASN A 170 -21.65 30.00 -4.42
CA ASN A 170 -22.15 28.63 -4.09
C ASN A 170 -20.97 27.63 -4.20
N ALA A 171 -21.02 26.55 -3.42
CA ALA A 171 -19.92 25.57 -3.27
C ALA A 171 -19.75 24.77 -4.58
N LYS A 172 -18.50 24.56 -5.01
CA LYS A 172 -18.13 23.66 -6.13
C LYS A 172 -17.85 22.26 -5.56
N PRO A 173 -18.45 21.19 -6.12
CA PRO A 173 -18.24 19.82 -5.60
C PRO A 173 -16.90 19.21 -6.01
N GLY A 174 -16.28 18.40 -5.13
CA GLY A 174 -15.06 17.64 -5.41
C GLY A 174 -15.23 16.70 -6.58
N LYS A 175 -14.15 16.14 -7.12
CA LYS A 175 -14.20 15.35 -8.39
C LYS A 175 -14.06 13.85 -8.11
N THR A 176 -14.79 13.02 -8.88
CA THR A 176 -14.72 11.53 -8.80
C THR A 176 -13.30 11.08 -9.11
N LEU A 177 -12.80 10.09 -8.38
CA LEU A 177 -11.45 9.52 -8.59
C LEU A 177 -11.59 8.00 -8.70
N ALA A 178 -11.22 7.43 -9.86
CA ALA A 178 -11.18 5.98 -10.13
C ALA A 178 -9.76 5.45 -9.89
N LEU A 179 -9.62 4.60 -8.88
CA LEU A 179 -8.32 4.05 -8.46
C LEU A 179 -7.91 2.96 -9.45
N SER A 180 -6.65 2.56 -9.39
CA SER A 180 -6.07 1.39 -10.07
C SER A 180 -6.57 0.11 -9.38
N ILE A 181 -6.94 0.17 -8.10
CA ILE A 181 -7.35 -1.04 -7.34
C ILE A 181 -8.51 -1.71 -8.11
N ASP A 182 -8.43 -3.03 -8.29
CA ASP A 182 -9.53 -3.93 -8.70
C ASP A 182 -10.10 -4.59 -7.45
N LEU A 183 -11.28 -4.18 -7.03
CA LEU A 183 -11.87 -4.62 -5.75
C LEU A 183 -12.00 -6.15 -5.71
N ARG A 184 -12.19 -6.79 -6.85
CA ARG A 184 -12.25 -8.29 -6.93
C ARG A 184 -10.88 -8.87 -6.51
N LEU A 185 -9.75 -8.38 -7.05
CA LEU A 185 -8.40 -8.89 -6.70
C LEU A 185 -8.09 -8.48 -5.26
N GLN A 186 -8.57 -7.30 -4.84
CA GLN A 186 -8.38 -6.79 -3.46
C GLN A 186 -9.03 -7.77 -2.48
N TYR A 187 -10.29 -8.18 -2.69
CA TYR A 187 -10.99 -9.18 -1.85
C TYR A 187 -10.12 -10.44 -1.82
N LEU A 188 -9.74 -10.95 -3.00
CA LEU A 188 -8.96 -12.21 -3.08
C LEU A 188 -7.68 -12.04 -2.25
N ALA A 189 -6.96 -10.93 -2.43
CA ALA A 189 -5.68 -10.73 -1.72
C ALA A 189 -6.01 -10.64 -0.24
N HIS A 190 -6.99 -9.83 0.14
CA HIS A 190 -7.30 -9.59 1.56
C HIS A 190 -7.51 -10.95 2.23
N ARG A 191 -8.37 -11.77 1.65
CA ARG A 191 -8.78 -13.09 2.19
C ARG A 191 -7.56 -13.99 2.37
N GLU A 192 -6.83 -14.18 1.28
CA GLU A 192 -5.75 -15.17 1.20
C GLU A 192 -4.61 -14.77 2.15
N LEU A 193 -4.33 -13.47 2.33
CA LEU A 193 -3.29 -12.99 3.26
C LEU A 193 -3.81 -13.13 4.70
N ARG A 194 -5.11 -12.94 4.93
CA ARG A 194 -5.72 -13.16 6.27
C ARG A 194 -5.53 -14.65 6.62
N ASN A 195 -5.93 -15.57 5.73
CA ASN A 195 -5.83 -17.04 5.93
C ASN A 195 -4.38 -17.47 6.21
N ALA A 196 -3.43 -17.01 5.40
CA ALA A 196 -1.98 -17.26 5.52
C ALA A 196 -1.51 -16.88 6.93
N LEU A 197 -1.91 -15.70 7.41
CA LEU A 197 -1.41 -15.18 8.70
C LEU A 197 -1.85 -16.14 9.81
N LEU A 198 -3.10 -16.59 9.76
CA LEU A 198 -3.69 -17.51 10.77
C LEU A 198 -3.03 -18.88 10.67
N GLU A 199 -2.81 -19.41 9.46
CA GLU A 199 -2.23 -20.78 9.29
C GLU A 199 -0.79 -20.81 9.80
N ASN A 200 -0.05 -19.71 9.64
CA ASN A 200 1.39 -19.57 10.01
C ASN A 200 1.49 -18.84 11.35
N GLY A 201 0.36 -18.46 11.95
CA GLY A 201 0.33 -17.67 13.18
C GLY A 201 1.33 -16.53 13.13
N ALA A 202 1.15 -15.60 12.18
CA ALA A 202 2.03 -14.41 12.02
C ALA A 202 1.31 -13.13 12.52
N LYS A 203 2.10 -12.13 12.89
CA LYS A 203 1.66 -10.83 13.47
C LYS A 203 1.04 -9.92 12.40
N ALA A 204 1.58 -9.92 11.18
CA ALA A 204 1.34 -8.87 10.17
C ALA A 204 1.87 -9.32 8.79
N GLY A 205 1.58 -8.54 7.76
CA GLY A 205 1.83 -8.91 6.36
C GLY A 205 1.35 -7.84 5.41
N SER A 206 1.89 -7.85 4.19
CA SER A 206 1.47 -7.01 3.05
C SER A 206 1.34 -7.90 1.82
N LEU A 207 0.50 -7.51 0.89
CA LEU A 207 0.50 -8.16 -0.44
C LEU A 207 0.17 -7.08 -1.47
N VAL A 208 1.09 -6.89 -2.42
CA VAL A 208 0.94 -5.91 -3.54
C VAL A 208 0.82 -6.73 -4.83
N ILE A 209 -0.15 -6.34 -5.66
CA ILE A 209 -0.35 -6.86 -7.04
C ILE A 209 -0.30 -5.66 -7.98
N MET A 210 0.53 -5.77 -9.03
CA MET A 210 0.86 -4.65 -9.96
C MET A 210 0.68 -5.15 -11.37
N ASP A 211 0.08 -4.31 -12.23
CA ASP A 211 -0.02 -4.57 -13.69
C ASP A 211 1.33 -4.20 -14.32
N VAL A 212 2.11 -5.17 -14.78
CA VAL A 212 3.53 -4.92 -15.18
C VAL A 212 3.61 -3.95 -16.38
N LYS A 213 2.52 -3.76 -17.14
CA LYS A 213 2.50 -2.93 -18.37
C LYS A 213 2.13 -1.47 -18.09
N THR A 214 1.27 -1.22 -17.10
CA THR A 214 0.61 0.09 -16.88
C THR A 214 1.12 0.77 -15.62
N GLY A 215 1.87 0.06 -14.76
CA GLY A 215 2.32 0.52 -13.44
C GLY A 215 1.19 0.55 -12.41
N GLU A 216 0.00 0.06 -12.74
CA GLU A 216 -1.21 0.15 -11.87
C GLU A 216 -1.09 -0.80 -10.67
N ILE A 217 -1.37 -0.29 -9.48
CA ILE A 217 -1.54 -1.14 -8.28
C ILE A 217 -2.97 -1.70 -8.31
N LEU A 218 -3.07 -2.98 -8.60
CA LEU A 218 -4.36 -3.66 -8.80
C LEU A 218 -4.92 -4.06 -7.43
N ALA A 219 -4.03 -4.35 -6.50
CA ALA A 219 -4.31 -4.74 -5.10
C ALA A 219 -3.18 -4.27 -4.17
N MET A 220 -3.58 -3.70 -3.06
CA MET A 220 -2.68 -3.49 -1.90
C MET A 220 -3.49 -3.81 -0.64
N THR A 221 -3.01 -4.77 0.14
CA THR A 221 -3.64 -5.20 1.41
C THR A 221 -2.57 -5.36 2.48
N ASN A 222 -2.87 -4.92 3.70
CA ASN A 222 -2.04 -5.15 4.91
C ASN A 222 -2.89 -5.82 5.99
N GLN A 223 -2.28 -6.69 6.80
CA GLN A 223 -2.86 -7.26 8.03
C GLN A 223 -1.92 -6.87 9.17
N PRO A 224 -2.44 -6.45 10.34
CA PRO A 224 -3.87 -6.27 10.55
C PRO A 224 -4.46 -5.06 9.80
N THR A 225 -5.76 -5.15 9.56
CA THR A 225 -6.57 -4.06 8.98
C THR A 225 -7.61 -3.61 10.02
N TYR A 226 -8.41 -2.62 9.68
CA TYR A 226 -9.49 -2.08 10.55
C TYR A 226 -10.66 -1.71 9.66
N ASN A 227 -11.81 -1.50 10.29
CA ASN A 227 -13.00 -0.93 9.65
C ASN A 227 -12.87 0.58 9.73
N PRO A 228 -12.62 1.27 8.60
CA PRO A 228 -12.62 2.73 8.60
C PRO A 228 -14.00 3.32 8.90
N ASN A 229 -15.06 2.51 8.90
CA ASN A 229 -16.42 2.98 9.24
C ASN A 229 -16.59 3.06 10.77
N ASN A 230 -15.75 2.38 11.55
CA ASN A 230 -15.85 2.36 13.04
C ASN A 230 -14.46 2.33 13.65
N ARG A 231 -13.85 3.50 13.89
CA ARG A 231 -12.44 3.60 14.37
C ARG A 231 -12.40 3.92 15.87
N ARG A 232 -13.45 3.61 16.63
CA ARG A 232 -13.53 3.97 18.07
C ARG A 232 -12.33 3.32 18.78
N ASN A 233 -12.15 2.01 18.57
CA ASN A 233 -11.10 1.20 19.24
C ASN A 233 -9.94 1.02 18.27
N LEU A 234 -9.73 2.01 17.40
CA LEU A 234 -8.59 2.04 16.44
C LEU A 234 -7.31 1.84 17.25
N GLN A 235 -6.34 1.15 16.64
CA GLN A 235 -4.96 1.03 17.16
C GLN A 235 -4.01 1.34 16.02
N PRO A 236 -2.85 1.96 16.32
CA PRO A 236 -1.95 2.43 15.27
C PRO A 236 -1.35 1.29 14.43
N ALA A 237 -1.15 0.11 15.03
CA ALA A 237 -0.63 -1.11 14.38
C ALA A 237 -1.57 -1.54 13.24
N ALA A 238 -2.88 -1.37 13.45
CA ALA A 238 -3.95 -1.72 12.50
C ALA A 238 -3.92 -0.72 11.35
N MET A 239 -3.62 0.54 11.65
CA MET A 239 -3.66 1.64 10.66
C MET A 239 -2.37 1.71 9.82
N ARG A 240 -1.30 0.98 10.17
CA ARG A 240 -0.03 1.06 9.40
C ARG A 240 -0.27 0.52 7.98
N ASN A 241 -0.04 1.34 6.97
CA ASN A 241 -0.03 0.91 5.54
C ASN A 241 1.32 0.26 5.32
N ARG A 242 1.48 -1.01 5.67
CA ARG A 242 2.80 -1.68 5.81
C ARG A 242 3.52 -1.68 4.46
N ALA A 243 2.79 -1.99 3.38
CA ALA A 243 3.28 -2.10 1.99
C ALA A 243 4.03 -0.83 1.57
N MET A 244 3.73 0.32 2.18
CA MET A 244 4.35 1.62 1.80
C MET A 244 5.27 2.16 2.89
N ILE A 245 5.25 1.63 4.12
CA ILE A 245 6.01 2.27 5.23
C ILE A 245 6.99 1.29 5.90
N ASP A 246 6.72 -0.02 5.95
CA ASP A 246 7.69 -0.96 6.56
C ASP A 246 8.86 -1.14 5.58
N VAL A 247 10.06 -0.78 5.98
CA VAL A 247 11.27 -0.95 5.12
C VAL A 247 11.98 -2.17 5.66
N PHE A 248 12.48 -3.00 4.75
CA PHE A 248 13.25 -4.22 5.10
C PHE A 248 14.38 -4.45 4.09
N GLU A 249 15.34 -5.26 4.51
CA GLU A 249 16.47 -5.72 3.68
C GLU A 249 15.91 -6.84 2.81
N PRO A 250 15.89 -6.70 1.47
CA PRO A 250 15.10 -7.59 0.62
C PRO A 250 15.67 -9.01 0.50
N GLY A 251 16.89 -9.20 0.98
CA GLY A 251 17.59 -10.48 0.78
C GLY A 251 17.55 -10.99 -0.66
N SER A 252 17.40 -12.31 -0.80
CA SER A 252 17.56 -13.04 -2.09
C SER A 252 16.61 -12.52 -3.17
N THR A 253 15.56 -11.79 -2.81
CA THR A 253 14.55 -11.30 -3.78
C THR A 253 15.18 -10.24 -4.69
N VAL A 254 16.35 -9.68 -4.36
CA VAL A 254 16.99 -8.70 -5.29
C VAL A 254 18.13 -9.34 -6.06
N LYS A 255 18.45 -10.61 -5.84
CA LYS A 255 19.53 -11.33 -6.56
C LYS A 255 19.28 -11.33 -8.08
N PRO A 256 18.01 -11.37 -8.55
CA PRO A 256 17.72 -11.26 -9.99
C PRO A 256 18.24 -9.98 -10.66
N PHE A 257 18.31 -8.90 -9.90
CA PHE A 257 18.86 -7.60 -10.35
C PHE A 257 20.37 -7.72 -10.39
N SER A 258 20.99 -8.33 -9.37
CA SER A 258 22.43 -8.71 -9.40
C SER A 258 22.72 -9.57 -10.63
N MET A 259 21.85 -10.52 -10.95
CA MET A 259 22.10 -11.39 -12.11
C MET A 259 21.94 -10.56 -13.39
N SER A 260 20.94 -9.67 -13.45
CA SER A 260 20.68 -8.75 -14.58
C SER A 260 21.97 -8.02 -14.94
N ALA A 261 22.66 -7.48 -13.95
CA ALA A 261 23.95 -6.78 -14.18
C ALA A 261 24.99 -7.79 -14.65
N ALA A 262 25.00 -9.00 -14.10
CA ALA A 262 25.99 -10.04 -14.48
C ALA A 262 25.91 -10.22 -15.99
N LEU A 263 24.69 -10.41 -16.51
CA LEU A 263 24.44 -10.75 -17.93
C LEU A 263 24.63 -9.53 -18.84
N ALA A 264 24.52 -8.30 -18.34
CA ALA A 264 24.73 -7.04 -19.11
C ALA A 264 26.23 -6.71 -19.11
N SER A 265 27.01 -7.41 -18.32
CA SER A 265 28.46 -7.13 -18.17
C SER A 265 29.23 -7.54 -19.42
N GLY A 266 28.70 -8.48 -20.21
CA GLY A 266 29.43 -9.17 -21.28
C GLY A 266 30.19 -10.36 -20.77
N ARG A 267 30.30 -10.51 -19.44
CA ARG A 267 31.27 -11.46 -18.81
C ARG A 267 30.55 -12.72 -18.30
N TRP A 268 29.22 -12.77 -18.33
CA TRP A 268 28.44 -13.93 -17.79
C TRP A 268 27.31 -14.32 -18.72
N LYS A 269 27.08 -15.63 -18.85
CA LYS A 269 25.86 -16.22 -19.48
C LYS A 269 25.26 -17.25 -18.55
N PRO A 270 23.98 -17.65 -18.74
CA PRO A 270 23.29 -18.55 -17.80
C PRO A 270 23.91 -19.93 -17.59
N SER A 271 24.53 -20.52 -18.62
CA SER A 271 25.14 -21.87 -18.51
C SER A 271 26.51 -21.79 -17.81
N ASP A 272 27.04 -20.59 -17.52
CA ASP A 272 28.29 -20.44 -16.75
C ASP A 272 28.17 -21.09 -15.38
N ILE A 273 29.29 -21.61 -14.91
CA ILE A 273 29.37 -22.39 -13.64
C ILE A 273 30.14 -21.56 -12.60
N VAL A 274 29.71 -21.58 -11.33
CA VAL A 274 30.51 -21.07 -10.18
C VAL A 274 30.68 -22.21 -9.16
N ASP A 275 31.88 -22.35 -8.60
CA ASP A 275 32.19 -23.35 -7.56
C ASP A 275 31.93 -22.69 -6.20
N VAL A 276 30.96 -23.18 -5.43
CA VAL A 276 30.57 -22.56 -4.14
C VAL A 276 31.02 -23.44 -2.98
N TYR A 277 31.77 -24.51 -3.29
CA TYR A 277 32.33 -25.42 -2.26
C TYR A 277 33.30 -24.59 -1.42
N PRO A 278 33.30 -24.68 -0.09
CA PRO A 278 32.40 -25.57 0.66
C PRO A 278 31.14 -24.96 1.25
N GLY A 279 30.51 -24.01 0.57
CA GLY A 279 29.31 -23.29 1.06
C GLY A 279 29.67 -22.07 1.90
N THR A 280 30.97 -21.79 2.04
CA THR A 280 31.49 -20.56 2.69
C THR A 280 32.53 -19.92 1.80
N LEU A 281 32.83 -18.66 2.07
CA LEU A 281 33.88 -17.88 1.35
C LEU A 281 34.44 -16.86 2.33
N GLN A 282 35.73 -16.96 2.63
CA GLN A 282 36.43 -15.97 3.49
C GLN A 282 36.74 -14.71 2.67
N ILE A 283 36.34 -13.55 3.21
CA ILE A 283 36.51 -12.19 2.63
C ILE A 283 37.36 -11.41 3.62
N GLY A 284 38.67 -11.68 3.57
CA GLY A 284 39.65 -11.30 4.59
C GLY A 284 39.16 -11.71 5.96
N ARG A 285 38.60 -10.76 6.71
CA ARG A 285 38.08 -10.91 8.10
C ARG A 285 36.67 -11.51 8.03
N TYR A 286 35.91 -11.10 7.01
CA TYR A 286 34.51 -11.54 6.79
C TYR A 286 34.50 -13.00 6.32
N THR A 287 33.42 -13.72 6.59
CA THR A 287 33.09 -15.04 5.99
C THR A 287 31.69 -15.00 5.36
N ILE A 288 31.58 -15.17 4.04
CA ILE A 288 30.24 -15.32 3.41
C ILE A 288 29.83 -16.78 3.58
N ARG A 289 28.59 -17.00 4.01
CA ARG A 289 28.09 -18.33 4.40
C ARG A 289 26.74 -18.58 3.73
N ASP A 290 26.60 -19.74 3.10
CA ASP A 290 25.38 -20.11 2.35
C ASP A 290 24.42 -20.80 3.31
N VAL A 291 23.13 -20.64 3.08
CA VAL A 291 22.03 -21.23 3.90
C VAL A 291 21.99 -22.75 3.71
N SER A 292 22.48 -23.24 2.56
CA SER A 292 22.60 -24.67 2.20
C SER A 292 23.99 -24.87 1.59
N ARG A 293 24.76 -25.89 2.02
CA ARG A 293 26.20 -26.02 1.66
C ARG A 293 26.47 -27.47 1.20
N ASN A 294 25.70 -27.92 0.22
CA ASN A 294 25.74 -29.29 -0.36
C ASN A 294 26.13 -29.22 -1.83
N SER A 295 26.83 -28.14 -2.24
CA SER A 295 27.14 -27.82 -3.66
C SER A 295 28.62 -27.55 -3.87
N ARG A 296 29.08 -27.90 -5.07
CA ARG A 296 30.32 -27.40 -5.68
C ARG A 296 29.92 -26.50 -6.87
N GLN A 297 29.81 -27.07 -8.07
CA GLN A 297 29.50 -26.36 -9.32
C GLN A 297 27.99 -26.12 -9.42
N LEU A 298 27.61 -24.86 -9.62
CA LEU A 298 26.23 -24.39 -9.88
C LEU A 298 26.26 -23.52 -11.14
N ASP A 299 25.31 -23.71 -12.05
CA ASP A 299 25.04 -22.72 -13.12
C ASP A 299 24.34 -21.51 -12.48
N LEU A 300 24.16 -20.44 -13.25
CA LEU A 300 23.66 -19.15 -12.73
C LEU A 300 22.25 -19.33 -12.19
N THR A 301 21.47 -20.20 -12.82
CA THR A 301 20.10 -20.55 -12.35
C THR A 301 20.20 -21.25 -11.00
N GLY A 302 21.11 -22.22 -10.91
CA GLY A 302 21.42 -22.96 -9.67
C GLY A 302 21.74 -22.01 -8.56
N ILE A 303 22.42 -20.92 -8.88
CA ILE A 303 22.86 -19.95 -7.85
C ILE A 303 21.60 -19.35 -7.24
N LEU A 304 20.62 -19.00 -8.07
CA LEU A 304 19.29 -18.48 -7.61
C LEU A 304 18.51 -19.60 -6.93
N ILE A 305 18.42 -20.79 -7.52
CA ILE A 305 17.59 -21.88 -6.93
C ILE A 305 18.10 -22.13 -5.51
N LYS A 306 19.43 -22.18 -5.31
CA LYS A 306 20.02 -22.53 -4.00
C LYS A 306 20.04 -21.32 -3.09
N SER A 307 19.86 -20.13 -3.65
CA SER A 307 20.10 -18.82 -3.00
C SER A 307 21.51 -18.79 -2.43
N SER A 308 22.51 -19.18 -3.22
CA SER A 308 23.95 -19.23 -2.81
C SER A 308 24.52 -17.82 -2.75
N ASN A 309 24.80 -17.34 -1.55
CA ASN A 309 25.44 -16.01 -1.32
C ASN A 309 26.90 -16.05 -1.77
N VAL A 310 27.57 -17.20 -1.66
CA VAL A 310 28.95 -17.41 -2.20
C VAL A 310 28.92 -17.27 -3.73
N GLY A 311 28.01 -17.96 -4.40
CA GLY A 311 27.84 -17.89 -5.86
C GLY A 311 27.66 -16.45 -6.32
N ILE A 312 26.68 -15.74 -5.77
CA ILE A 312 26.31 -14.37 -6.21
C ILE A 312 27.43 -13.39 -5.85
N SER A 313 28.11 -13.61 -4.74
CA SER A 313 29.27 -12.80 -4.30
C SER A 313 30.42 -12.93 -5.29
N LYS A 314 30.76 -14.13 -5.75
CA LYS A 314 31.88 -14.33 -6.71
C LYS A 314 31.57 -13.58 -8.01
N ILE A 315 30.33 -13.67 -8.51
CA ILE A 315 29.88 -12.98 -9.75
C ILE A 315 30.02 -11.46 -9.55
N ALA A 316 29.56 -10.94 -8.42
CA ALA A 316 29.66 -9.53 -8.00
C ALA A 316 31.12 -9.03 -7.94
N PHE A 317 32.02 -9.79 -7.32
CA PHE A 317 33.49 -9.50 -7.35
C PHE A 317 33.95 -9.34 -8.80
N ASP A 318 33.51 -10.21 -9.70
CA ASP A 318 33.94 -10.19 -11.12
C ASP A 318 33.38 -8.96 -11.84
N ILE A 319 32.19 -8.45 -11.54
CA ILE A 319 31.54 -7.40 -12.41
C ILE A 319 31.69 -6.03 -11.73
N GLY A 320 31.91 -5.98 -10.43
CA GLY A 320 31.89 -4.74 -9.65
C GLY A 320 30.51 -4.41 -9.09
N ALA A 321 30.46 -3.81 -7.89
CA ALA A 321 29.20 -3.39 -7.23
C ALA A 321 28.50 -2.30 -8.05
N GLU A 322 29.26 -1.43 -8.70
CA GLU A 322 28.71 -0.26 -9.44
C GLU A 322 27.62 -0.73 -10.40
N SER A 323 27.86 -1.80 -11.15
CA SER A 323 26.95 -2.33 -12.20
C SER A 323 25.64 -2.82 -11.56
N ILE A 324 25.74 -3.42 -10.37
CA ILE A 324 24.62 -3.99 -9.55
C ILE A 324 23.83 -2.85 -8.93
N TYR A 325 24.53 -1.97 -8.21
CA TYR A 325 23.95 -0.73 -7.65
C TYR A 325 23.18 0.00 -8.75
N SER A 326 23.74 0.10 -9.94
CA SER A 326 23.12 0.90 -11.03
C SER A 326 21.79 0.28 -11.46
N VAL A 327 21.70 -1.05 -11.53
CA VAL A 327 20.44 -1.72 -11.93
C VAL A 327 19.40 -1.51 -10.80
N MET A 328 19.84 -1.64 -9.56
CA MET A 328 18.89 -1.59 -8.42
C MET A 328 18.26 -0.18 -8.36
N GLN A 329 19.07 0.82 -8.64
CA GLN A 329 18.66 2.23 -8.67
C GLN A 329 17.64 2.42 -9.81
N GLN A 330 17.94 1.88 -11.00
CA GLN A 330 17.11 2.07 -12.21
C GLN A 330 15.74 1.39 -12.06
N VAL A 331 15.64 0.30 -11.29
CA VAL A 331 14.34 -0.39 -11.07
C VAL A 331 13.62 0.17 -9.83
N GLY A 332 14.21 1.15 -9.14
CA GLY A 332 13.51 2.04 -8.19
C GLY A 332 13.76 1.72 -6.73
N LEU A 333 14.65 0.77 -6.42
CA LEU A 333 14.95 0.33 -5.03
C LEU A 333 15.59 1.50 -4.27
N GLY A 334 15.11 1.79 -3.05
CA GLY A 334 15.62 2.90 -2.24
C GLY A 334 15.33 4.27 -2.83
N GLN A 335 14.40 4.35 -3.77
CA GLN A 335 14.02 5.61 -4.47
C GLN A 335 12.57 5.93 -4.12
N ASP A 336 12.22 7.22 -4.18
CA ASP A 336 10.86 7.77 -4.00
C ASP A 336 9.98 7.25 -5.14
N THR A 337 8.76 6.82 -4.82
CA THR A 337 7.84 6.14 -5.77
C THR A 337 7.03 7.15 -6.56
N GLY A 338 6.95 8.39 -6.07
CA GLY A 338 6.21 9.48 -6.73
C GLY A 338 4.72 9.34 -6.50
N LEU A 339 4.32 8.56 -5.50
CA LEU A 339 2.88 8.27 -5.21
C LEU A 339 2.30 9.29 -4.22
N GLY A 340 3.12 10.16 -3.64
CA GLY A 340 2.71 11.22 -2.71
C GLY A 340 1.74 10.74 -1.62
N PHE A 341 1.89 9.53 -1.13
CA PHE A 341 1.17 9.01 0.06
C PHE A 341 1.88 9.49 1.31
N PRO A 342 1.14 9.55 2.45
CA PRO A 342 1.50 10.41 3.58
C PRO A 342 2.82 10.04 4.29
N GLY A 343 2.85 8.84 4.87
CA GLY A 343 4.01 8.34 5.62
C GLY A 343 4.85 7.34 4.82
N GLU A 344 4.91 7.50 3.50
CA GLU A 344 5.64 6.60 2.58
C GLU A 344 7.13 6.61 2.95
N ARG A 345 7.72 5.46 3.24
CA ARG A 345 9.19 5.33 3.48
C ARG A 345 9.89 5.02 2.15
N VAL A 346 11.13 5.53 2.04
CA VAL A 346 11.94 5.53 0.79
C VAL A 346 13.00 4.42 0.87
N GLY A 347 13.26 3.94 2.09
CA GLY A 347 14.35 2.99 2.33
C GLY A 347 15.67 3.63 1.98
N ASN A 348 16.66 2.85 1.55
CA ASN A 348 18.05 3.32 1.45
C ASN A 348 18.82 2.37 0.54
N LEU A 349 19.23 2.87 -0.62
CA LEU A 349 20.19 2.19 -1.51
C LEU A 349 21.52 2.90 -1.38
N PRO A 350 22.36 2.48 -0.43
CA PRO A 350 23.53 3.28 -0.08
C PRO A 350 24.61 3.16 -1.17
N ASN A 351 25.39 4.22 -1.36
CA ASN A 351 26.42 4.31 -2.42
C ASN A 351 27.82 4.43 -1.78
N HIS A 352 28.85 4.08 -2.56
CA HIS A 352 30.29 4.17 -2.18
C HIS A 352 31.06 4.75 -3.36
N ARG A 353 32.26 5.26 -3.11
CA ARG A 353 33.22 5.60 -4.19
C ARG A 353 33.89 4.26 -4.50
N LYS A 354 34.59 3.74 -3.49
CA LYS A 354 35.30 2.44 -3.54
C LYS A 354 34.48 1.44 -2.74
N TRP A 355 33.86 0.49 -3.44
CA TRP A 355 33.11 -0.67 -2.90
C TRP A 355 34.11 -1.73 -2.46
N PRO A 356 34.30 -1.97 -1.16
CA PRO A 356 35.05 -3.14 -0.72
C PRO A 356 34.25 -4.43 -0.99
N LYS A 357 34.89 -5.58 -0.81
CA LYS A 357 34.34 -6.93 -1.07
C LYS A 357 33.08 -7.18 -0.24
N ALA A 358 33.12 -6.91 1.05
CA ALA A 358 32.00 -7.15 1.98
C ALA A 358 30.78 -6.35 1.54
N GLU A 359 30.92 -5.05 1.31
CA GLU A 359 29.80 -4.17 0.90
C GLU A 359 29.27 -4.60 -0.48
N THR A 360 30.16 -5.04 -1.38
CA THR A 360 29.84 -5.55 -2.75
C THR A 360 28.96 -6.81 -2.65
N ALA A 361 29.38 -7.76 -1.83
CA ALA A 361 28.76 -9.08 -1.60
C ALA A 361 27.40 -8.89 -0.94
N THR A 362 27.30 -8.01 0.07
CA THR A 362 26.07 -7.82 0.87
C THR A 362 25.03 -7.10 0.02
N LEU A 363 25.45 -6.19 -0.85
CA LEU A 363 24.52 -5.58 -1.82
C LEU A 363 23.97 -6.67 -2.75
N ALA A 364 24.87 -7.49 -3.32
CA ALA A 364 24.57 -8.50 -4.35
C ALA A 364 23.52 -9.49 -3.82
N TYR A 365 23.65 -9.90 -2.57
CA TYR A 365 22.70 -10.86 -1.93
C TYR A 365 21.70 -10.12 -1.03
N GLY A 366 21.57 -8.81 -1.18
CA GLY A 366 20.35 -8.09 -0.81
C GLY A 366 20.25 -7.79 0.67
N TYR A 367 21.37 -7.74 1.40
CA TYR A 367 21.46 -6.99 2.69
C TYR A 367 22.19 -5.67 2.39
N GLY A 368 22.24 -4.70 3.28
CA GLY A 368 22.83 -3.41 2.87
C GLY A 368 22.07 -2.71 1.75
N LEU A 369 20.76 -2.87 1.71
CA LEU A 369 19.81 -1.82 1.27
C LEU A 369 18.50 -2.07 2.01
N SER A 370 17.61 -1.10 2.03
CA SER A 370 16.24 -1.23 2.59
C SER A 370 15.21 -0.79 1.55
N VAL A 371 14.13 -1.56 1.44
CA VAL A 371 13.07 -1.31 0.42
C VAL A 371 11.72 -1.56 1.07
N THR A 372 10.65 -1.05 0.45
CA THR A 372 9.26 -1.33 0.80
C THR A 372 8.77 -2.43 -0.15
N ALA A 373 7.66 -3.06 0.22
CA ALA A 373 6.99 -4.07 -0.63
C ALA A 373 6.64 -3.41 -1.98
N ILE A 374 6.14 -2.18 -1.95
CA ILE A 374 5.74 -1.44 -3.18
C ILE A 374 6.97 -1.34 -4.09
N GLN A 375 8.14 -0.98 -3.55
CA GLN A 375 9.36 -0.76 -4.38
C GLN A 375 9.76 -2.08 -5.02
N LEU A 376 9.77 -3.14 -4.22
CA LEU A 376 10.16 -4.47 -4.72
C LEU A 376 9.22 -4.87 -5.84
N ALA A 377 7.91 -4.70 -5.65
CA ALA A 377 6.93 -5.13 -6.66
C ALA A 377 7.18 -4.31 -7.94
N HIS A 378 7.44 -3.03 -7.75
CA HIS A 378 7.71 -2.09 -8.88
C HIS A 378 8.91 -2.58 -9.69
N ALA A 379 9.95 -3.03 -9.01
CA ALA A 379 11.18 -3.54 -9.65
C ALA A 379 10.88 -4.84 -10.38
N TYR A 380 10.11 -5.72 -9.75
CA TYR A 380 9.70 -7.01 -10.34
C TYR A 380 8.81 -6.73 -11.54
N ALA A 381 8.01 -5.66 -11.46
CA ALA A 381 7.18 -5.22 -12.61
C ALA A 381 8.07 -4.87 -13.80
N ALA A 382 9.13 -4.11 -13.56
CA ALA A 382 10.07 -3.64 -14.59
C ALA A 382 10.65 -4.87 -15.33
N LEU A 383 11.20 -5.81 -14.58
CA LEU A 383 11.79 -7.07 -15.09
C LEU A 383 10.73 -7.85 -15.87
N ALA A 384 9.55 -8.00 -15.28
CA ALA A 384 8.41 -8.68 -15.91
C ALA A 384 8.00 -7.95 -17.21
N ASN A 385 8.05 -6.62 -17.24
CA ASN A 385 7.67 -5.82 -18.44
C ASN A 385 8.84 -5.79 -19.43
N ASP A 386 9.53 -6.92 -19.64
CA ASP A 386 10.73 -7.02 -20.51
C ASP A 386 11.71 -5.88 -20.23
N GLY A 387 11.87 -5.50 -18.97
CA GLY A 387 12.91 -4.54 -18.54
C GLY A 387 12.48 -3.09 -18.70
N LYS A 388 11.22 -2.84 -19.01
CA LYS A 388 10.70 -1.44 -19.15
C LYS A 388 9.95 -1.01 -17.89
N SER A 389 10.58 -0.14 -17.11
CA SER A 389 9.98 0.59 -15.98
C SER A 389 8.82 1.47 -16.47
N VAL A 390 7.69 1.39 -15.79
CA VAL A 390 6.53 2.31 -15.91
C VAL A 390 6.24 2.87 -14.53
N PRO A 391 6.00 4.20 -14.42
CA PRO A 391 5.71 4.83 -13.15
C PRO A 391 4.52 4.19 -12.42
N LEU A 392 4.65 3.96 -11.12
CA LEU A 392 3.60 3.43 -10.23
C LEU A 392 2.39 4.34 -10.31
N SER A 393 1.18 3.79 -10.33
CA SER A 393 -0.09 4.58 -10.26
C SER A 393 -1.05 3.92 -9.28
N MET A 394 -1.74 4.73 -8.47
CA MET A 394 -2.86 4.27 -7.60
C MET A 394 -4.18 4.71 -8.22
N THR A 395 -4.12 5.43 -9.33
CA THR A 395 -5.31 5.85 -10.10
C THR A 395 -5.37 5.02 -11.39
N ARG A 396 -6.57 4.79 -11.91
CA ARG A 396 -6.76 4.07 -13.19
C ARG A 396 -5.87 4.72 -14.25
N VAL A 397 -4.97 3.94 -14.87
CA VAL A 397 -4.19 4.37 -16.07
C VAL A 397 -4.99 4.04 -17.33
N ASP A 398 -5.31 5.06 -18.13
CA ASP A 398 -6.03 4.92 -19.42
C ASP A 398 -5.02 5.01 -20.58
N ARG A 399 -4.05 5.92 -20.46
CA ARG A 399 -2.99 6.14 -21.46
C ARG A 399 -1.67 5.77 -20.77
N VAL A 400 -1.13 4.61 -21.10
CA VAL A 400 0.13 4.12 -20.51
C VAL A 400 1.26 5.08 -20.87
N PRO A 401 2.00 5.66 -19.91
CA PRO A 401 3.14 6.51 -20.23
C PRO A 401 4.27 5.70 -20.87
N ASP A 402 5.21 6.38 -21.53
CA ASP A 402 6.36 5.69 -22.16
C ASP A 402 7.21 5.14 -21.02
N GLY A 403 7.74 3.95 -21.20
CA GLY A 403 8.54 3.38 -20.12
C GLY A 403 9.96 3.85 -20.22
N VAL A 404 10.73 3.69 -19.15
CA VAL A 404 12.21 3.71 -19.24
C VAL A 404 12.70 2.26 -19.35
N GLN A 405 13.43 1.97 -20.43
CA GLN A 405 14.07 0.66 -20.70
C GLN A 405 15.31 0.58 -19.80
N VAL A 406 15.16 0.02 -18.60
CA VAL A 406 16.18 0.07 -17.52
C VAL A 406 17.05 -1.18 -17.60
N ILE A 407 16.53 -2.26 -18.17
CA ILE A 407 17.26 -3.54 -18.42
C ILE A 407 16.94 -3.92 -19.86
N SER A 408 17.95 -4.41 -20.59
CA SER A 408 17.79 -4.79 -22.01
C SER A 408 16.68 -5.83 -22.06
N PRO A 409 15.78 -5.75 -23.05
CA PRO A 409 14.75 -6.78 -23.25
C PRO A 409 15.31 -8.20 -23.20
N GLU A 410 16.45 -8.41 -23.87
CA GLU A 410 17.15 -9.71 -23.97
C GLU A 410 17.59 -10.15 -22.57
N VAL A 411 18.31 -9.32 -21.84
CA VAL A 411 18.68 -9.67 -20.44
C VAL A 411 17.38 -9.94 -19.66
N ALA A 412 16.39 -9.06 -19.74
CA ALA A 412 15.15 -9.23 -18.95
C ALA A 412 14.55 -10.60 -19.30
N SER A 413 14.42 -10.90 -20.58
CA SER A 413 13.91 -12.21 -21.05
C SER A 413 14.71 -13.33 -20.38
N THR A 414 16.05 -13.29 -20.42
CA THR A 414 16.90 -14.35 -19.82
C THR A 414 16.54 -14.50 -18.34
N VAL A 415 16.49 -13.38 -17.62
CA VAL A 415 16.30 -13.45 -16.14
C VAL A 415 14.88 -14.00 -15.85
N GLN A 416 13.91 -13.73 -16.71
CA GLN A 416 12.55 -14.29 -16.58
C GLN A 416 12.60 -15.81 -16.59
N GLY A 417 13.34 -16.41 -17.54
CA GLY A 417 13.38 -17.86 -17.75
C GLY A 417 14.03 -18.51 -16.54
N MET A 418 15.06 -17.86 -16.04
CA MET A 418 15.82 -18.32 -14.85
C MET A 418 14.86 -18.38 -13.66
N LEU A 419 14.07 -17.33 -13.47
CA LEU A 419 13.06 -17.23 -12.39
C LEU A 419 11.93 -18.22 -12.61
N GLN A 420 11.64 -18.55 -13.86
CA GLN A 420 10.65 -19.62 -14.17
C GLN A 420 11.21 -20.93 -13.62
N GLN A 421 12.49 -21.23 -13.91
CA GLN A 421 13.20 -22.45 -13.41
C GLN A 421 13.27 -22.44 -11.89
N VAL A 422 13.46 -21.29 -11.26
CA VAL A 422 13.46 -21.21 -9.77
C VAL A 422 12.16 -21.83 -9.24
N VAL A 423 11.05 -21.68 -9.95
CA VAL A 423 9.69 -22.07 -9.46
C VAL A 423 9.41 -23.53 -9.85
N GLU A 424 9.94 -23.96 -10.99
CA GLU A 424 9.57 -25.21 -11.69
C GLU A 424 10.68 -26.26 -11.50
N ALA A 425 11.95 -25.92 -11.71
CA ALA A 425 13.10 -26.88 -11.70
C ALA A 425 13.06 -27.73 -10.43
N GLN A 426 13.67 -28.92 -10.47
CA GLN A 426 13.93 -29.80 -9.29
C GLN A 426 14.77 -28.99 -8.28
N GLY A 427 14.46 -29.08 -6.98
CA GLY A 427 15.09 -28.25 -5.94
C GLY A 427 14.49 -26.84 -5.89
N GLY A 428 13.57 -26.50 -6.80
CA GLY A 428 12.92 -25.19 -6.96
C GLY A 428 11.86 -24.91 -5.91
N VAL A 429 11.30 -23.71 -5.94
CA VAL A 429 10.24 -23.24 -5.00
C VAL A 429 8.87 -23.74 -5.50
N PHE A 430 8.62 -25.04 -5.40
CA PHE A 430 7.49 -25.76 -6.06
C PHE A 430 6.14 -25.23 -5.55
N ARG A 431 6.06 -24.74 -4.30
CA ARG A 431 4.83 -24.15 -3.67
C ARG A 431 4.41 -22.82 -4.31
N ALA A 432 5.15 -22.30 -5.29
CA ALA A 432 4.84 -21.00 -5.94
C ALA A 432 4.33 -21.25 -7.34
N GLN A 433 4.26 -22.51 -7.75
CA GLN A 433 3.71 -22.83 -9.08
C GLN A 433 2.23 -22.42 -9.08
N VAL A 434 1.75 -21.90 -10.20
CA VAL A 434 0.34 -21.44 -10.36
C VAL A 434 -0.25 -22.44 -11.33
N PRO A 435 -1.25 -23.23 -10.89
CA PRO A 435 -1.72 -24.34 -11.71
C PRO A 435 -2.45 -23.74 -12.92
N GLY A 436 -2.05 -24.15 -14.12
CA GLY A 436 -2.58 -23.60 -15.38
C GLY A 436 -1.55 -22.76 -16.06
N TYR A 437 -0.86 -21.92 -15.29
CA TYR A 437 0.16 -20.96 -15.79
C TYR A 437 1.55 -21.38 -15.31
N HIS A 438 2.56 -21.04 -16.11
CA HIS A 438 3.99 -20.86 -15.73
C HIS A 438 4.16 -19.54 -14.97
N ALA A 439 4.71 -19.63 -13.76
CA ALA A 439 5.02 -18.49 -12.89
C ALA A 439 6.54 -18.44 -12.66
N ALA A 440 7.03 -17.27 -12.32
CA ALA A 440 8.45 -16.94 -12.13
C ALA A 440 8.57 -16.10 -10.86
N GLY A 441 9.62 -16.32 -10.07
CA GLY A 441 9.86 -15.46 -8.90
C GLY A 441 10.96 -15.99 -8.00
N LYS A 442 11.05 -15.44 -6.80
CA LYS A 442 12.18 -15.68 -5.89
C LYS A 442 11.73 -15.39 -4.47
N SER A 443 12.04 -16.32 -3.58
CA SER A 443 11.75 -16.17 -2.14
C SER A 443 12.92 -15.44 -1.49
N GLY A 444 12.70 -14.95 -0.29
CA GLY A 444 13.82 -14.48 0.54
C GLY A 444 13.38 -14.35 1.98
N THR A 445 14.33 -14.05 2.86
CA THR A 445 14.14 -13.99 4.33
C THR A 445 14.77 -12.69 4.82
N ALA A 446 13.91 -11.66 4.89
CA ALA A 446 14.25 -10.25 5.15
C ALA A 446 14.54 -10.03 6.65
N ARG A 447 15.18 -8.88 6.92
CA ARG A 447 15.49 -8.28 8.25
C ARG A 447 14.94 -6.84 8.30
N LYS A 448 14.24 -6.48 9.37
CA LYS A 448 13.83 -5.08 9.68
C LYS A 448 14.95 -4.42 10.49
N GLU A 458 17.51 -4.83 17.65
CA GLU A 458 17.37 -6.24 17.21
C GLU A 458 17.16 -6.29 15.68
N ASN A 459 16.85 -7.46 15.13
CA ASN A 459 16.64 -7.64 13.66
C ASN A 459 15.51 -8.64 13.43
N ALA A 460 14.34 -8.14 12.98
CA ALA A 460 13.11 -8.91 12.75
C ALA A 460 13.26 -9.81 11.51
N TYR A 461 12.40 -10.81 11.40
CA TYR A 461 12.34 -11.82 10.31
C TYR A 461 11.03 -11.63 9.56
N ARG A 462 11.07 -11.54 8.23
CA ARG A 462 9.85 -11.63 7.36
C ARG A 462 10.08 -12.66 6.27
N SER A 463 9.04 -13.34 5.88
CA SER A 463 9.07 -14.26 4.72
C SER A 463 8.58 -13.46 3.50
N LEU A 464 9.39 -13.40 2.44
CA LEU A 464 9.08 -12.73 1.15
C LEU A 464 8.88 -13.76 0.05
N PHE A 465 7.94 -13.50 -0.84
CA PHE A 465 8.01 -13.99 -2.23
C PHE A 465 7.65 -12.85 -3.17
N ALA A 466 8.36 -12.79 -4.29
CA ALA A 466 8.28 -11.73 -5.30
C ALA A 466 8.23 -12.43 -6.64
N GLY A 467 7.23 -12.15 -7.45
CA GLY A 467 7.15 -12.85 -8.73
C GLY A 467 6.19 -12.21 -9.69
N PHE A 468 6.02 -12.87 -10.82
CA PHE A 468 5.13 -12.39 -11.89
C PHE A 468 4.72 -13.60 -12.74
N ALA A 469 3.69 -13.42 -13.53
CA ALA A 469 3.04 -14.50 -14.30
C ALA A 469 2.18 -13.83 -15.35
N PRO A 470 1.88 -14.48 -16.50
CA PRO A 470 2.51 -15.74 -16.88
C PRO A 470 3.99 -15.52 -17.25
N ALA A 471 4.85 -16.53 -17.01
CA ALA A 471 6.32 -16.42 -17.03
C ALA A 471 6.81 -16.00 -18.42
N THR A 472 6.17 -16.54 -19.47
CA THR A 472 6.60 -16.39 -20.88
C THR A 472 5.98 -15.15 -21.51
N ASP A 473 4.93 -14.59 -20.91
CA ASP A 473 4.30 -13.32 -21.37
C ASP A 473 3.68 -12.59 -20.17
N PRO A 474 4.49 -12.03 -19.25
CA PRO A 474 3.98 -11.58 -17.95
C PRO A 474 2.95 -10.43 -17.98
N ARG A 475 2.03 -10.42 -17.01
CA ARG A 475 0.91 -9.45 -16.91
C ARG A 475 0.90 -8.78 -15.54
N ILE A 476 1.23 -9.55 -14.51
CA ILE A 476 1.03 -9.23 -13.08
C ILE A 476 2.35 -9.55 -12.37
N ALA A 477 2.80 -8.63 -11.53
CA ALA A 477 3.87 -8.83 -10.52
C ALA A 477 3.19 -8.86 -9.17
N MET A 478 3.75 -9.62 -8.24
CA MET A 478 3.17 -9.74 -6.90
C MET A 478 4.31 -9.84 -5.90
N VAL A 479 4.16 -9.13 -4.79
CA VAL A 479 4.99 -9.31 -3.57
C VAL A 479 4.09 -9.66 -2.39
N VAL A 480 4.53 -10.68 -1.63
CA VAL A 480 3.95 -11.17 -0.35
C VAL A 480 5.02 -10.99 0.73
N VAL A 481 4.66 -10.32 1.81
CA VAL A 481 5.46 -10.20 3.07
C VAL A 481 4.62 -10.78 4.20
N ILE A 482 5.22 -11.61 5.03
CA ILE A 482 4.58 -12.25 6.21
C ILE A 482 5.56 -12.07 7.35
N ASP A 483 5.17 -11.29 8.35
CA ASP A 483 6.04 -10.91 9.50
C ASP A 483 6.07 -12.03 10.53
N GLU A 484 7.24 -12.65 10.74
CA GLU A 484 7.51 -13.54 11.90
C GLU A 484 6.45 -14.65 11.95
N PRO A 485 6.38 -15.52 10.92
CA PRO A 485 5.46 -16.67 10.95
C PRO A 485 5.74 -17.76 12.01
N SER A 486 5.09 -17.67 13.19
CA SER A 486 5.23 -18.63 14.33
C SER A 486 4.15 -19.73 14.25
N PHE A 491 10.37 -19.98 6.40
CA PHE A 491 11.10 -19.55 5.18
C PHE A 491 10.12 -18.96 4.14
N GLY A 492 10.63 -18.04 3.29
CA GLY A 492 9.93 -17.44 2.14
C GLY A 492 9.36 -18.49 1.19
N GLY A 493 10.15 -19.53 0.87
CA GLY A 493 9.76 -20.65 0.00
C GLY A 493 8.65 -21.50 0.61
N LEU A 494 8.47 -21.43 1.93
CA LEU A 494 7.52 -22.27 2.70
C LEU A 494 6.26 -21.45 3.04
N VAL A 495 6.42 -20.16 3.40
CA VAL A 495 5.37 -19.31 4.04
C VAL A 495 4.74 -18.38 2.99
N SER A 496 5.50 -17.48 2.42
CA SER A 496 5.00 -16.46 1.45
C SER A 496 4.59 -17.14 0.14
N ALA A 497 5.28 -18.19 -0.31
CA ALA A 497 5.14 -18.75 -1.67
C ALA A 497 3.73 -19.26 -1.94
N PRO A 498 3.12 -20.04 -1.04
CA PRO A 498 1.81 -20.65 -1.31
C PRO A 498 0.71 -19.58 -1.49
N VAL A 499 0.82 -18.49 -0.73
CA VAL A 499 -0.03 -17.27 -0.87
C VAL A 499 0.14 -16.70 -2.28
N PHE A 500 1.38 -16.56 -2.77
CA PHE A 500 1.66 -16.03 -4.13
C PHE A 500 0.88 -16.91 -5.11
N SER A 501 1.04 -18.23 -5.00
CA SER A 501 0.35 -19.26 -5.82
C SER A 501 -1.15 -19.06 -5.87
N LYS A 502 -1.83 -19.04 -4.71
CA LYS A 502 -3.31 -18.96 -4.62
C LYS A 502 -3.79 -17.63 -5.19
N VAL A 503 -3.18 -16.53 -4.77
CA VAL A 503 -3.60 -15.16 -5.15
C VAL A 503 -3.28 -14.90 -6.62
N MET A 504 -2.18 -15.45 -7.13
CA MET A 504 -1.82 -15.22 -8.56
C MET A 504 -2.82 -16.00 -9.42
N ALA A 505 -3.11 -17.25 -9.08
CA ALA A 505 -4.07 -18.09 -9.83
C ALA A 505 -5.37 -17.31 -10.02
N GLY A 506 -5.86 -16.68 -8.94
CA GLY A 506 -7.14 -15.94 -8.91
C GLY A 506 -7.07 -14.65 -9.70
N ALA A 507 -6.07 -13.82 -9.42
CA ALA A 507 -5.84 -12.56 -10.14
C ALA A 507 -5.89 -12.84 -11.65
N LEU A 508 -5.07 -13.79 -12.13
CA LEU A 508 -4.93 -14.09 -13.57
C LEU A 508 -6.30 -14.47 -14.15
N ARG A 509 -7.04 -15.34 -13.46
CA ARG A 509 -8.36 -15.77 -13.98
CA ARG A 509 -8.38 -15.79 -13.94
C ARG A 509 -9.36 -14.60 -13.90
N LEU A 510 -9.35 -13.83 -12.82
CA LEU A 510 -10.25 -12.65 -12.69
C LEU A 510 -9.97 -11.70 -13.85
N MET A 511 -8.73 -11.65 -14.35
CA MET A 511 -8.30 -10.75 -15.46
C MET A 511 -8.33 -11.44 -16.82
N ASN A 512 -8.88 -12.66 -16.85
CA ASN A 512 -9.12 -13.47 -18.08
C ASN A 512 -7.80 -13.65 -18.82
N VAL A 513 -6.69 -13.71 -18.09
CA VAL A 513 -5.38 -14.09 -18.66
C VAL A 513 -5.46 -15.54 -19.10
N PRO A 514 -5.15 -15.84 -20.38
CA PRO A 514 -5.17 -17.22 -20.88
C PRO A 514 -4.03 -18.04 -20.30
N PRO A 515 -4.29 -19.24 -19.76
CA PRO A 515 -3.23 -20.21 -19.45
C PRO A 515 -2.16 -20.34 -20.55
N ASP A 516 -0.89 -20.21 -20.18
CA ASP A 516 0.31 -20.33 -21.07
C ASP A 516 0.93 -21.73 -20.97
N ASN A 517 0.23 -22.70 -20.35
CA ASN A 517 0.65 -24.13 -20.31
C ASN A 517 -0.55 -25.01 -20.71
#